data_7G9H
#
_entry.id   7G9H
#
_cell.length_a   70.519
_cell.length_b   70.519
_cell.length_c   195.737
_cell.angle_alpha   90.000
_cell.angle_beta   90.000
_cell.angle_gamma   90.000
#
_symmetry.space_group_name_H-M   'P 43 21 2'
#
loop_
_entity.id
_entity.type
_entity.pdbx_description
1 polymer 'Transforming protein RhoA'
2 polymer 'Rho guanine nucleotide exchange factor 2'
3 non-polymer 'DIMETHYL SULFOXIDE'
4 non-polymer 'FORMIC ACID'
5 non-polymer (2S)-4-(chloroacetyl)-3,4-dihydro-2H-1,4-benzoxazine-2-carboxamide
6 water water
#
loop_
_entity_poly.entity_id
_entity_poly.type
_entity_poly.pdbx_seq_one_letter_code
_entity_poly.pdbx_strand_id
1 'polypeptide(L)'
;SMAAIRKKLVIVGDGACGKTCLLIVFSKDQFPEVYVPTVFENYVADIEVDGKQVELALWDTAGQEDYDRLRPLSYPDTDV
ILMCFSIDSPDSLENIPEKWTPEVKHFCPNVPIILVGNKKDLRNDEHTRRELAKMKQEPVKPEEGRDMANRIGAFGYMEC
SAKTKDGVREVFEMATRAALQARRG
;
A
2 'polypeptide(L)'
;SMEMDEKDFAADSWSLAVDSSFLQQHKKEVMKQQDVIYELIQTELHHVRTLKIMTRLFRTGMLEELHLEPGVVQGLFPCV
DELSDIHTRFLSQLLERRRQALCPGSTRNFVIHRLGDLLISQFSGPSAEQMCKTYSEFCSRHSKALKLYKELYARDKRFQ
QFIRKVTRPAVLKRHGVQECILLVTQRITKYPLLISRILQHSHGIEEERQDLTTALGLVKELLSNVDEGIYQLEKGARLQ
EIYNR
;
B
#
# COMPACT_ATOMS: atom_id res chain seq x y z
N ALA A 4 3.35 5.69 24.20
CA ALA A 4 4.10 5.51 22.95
C ALA A 4 3.79 6.63 21.97
N ILE A 5 4.81 7.39 21.62
CA ILE A 5 4.69 8.49 20.66
C ILE A 5 4.50 7.91 19.25
N ARG A 6 3.67 8.54 18.41
CA ARG A 6 3.42 8.03 17.05
C ARG A 6 4.33 8.74 16.04
N LYS A 7 5.02 7.97 15.21
CA LYS A 7 5.94 8.51 14.22
C LYS A 7 5.66 7.89 12.83
N LYS A 8 5.85 8.67 11.77
CA LYS A 8 5.55 8.17 10.41
C LYS A 8 6.77 7.95 9.54
N LEU A 9 6.89 6.74 9.00
CA LEU A 9 8.01 6.40 8.13
C LEU A 9 7.50 6.20 6.73
N VAL A 10 8.18 6.76 5.73
CA VAL A 10 7.79 6.55 4.34
C VAL A 10 9.00 6.12 3.55
N ILE A 11 8.88 5.06 2.73
CA ILE A 11 10.00 4.62 1.91
CA ILE A 11 9.99 4.61 1.90
C ILE A 11 9.81 5.11 0.48
N VAL A 12 10.87 5.65 -0.12
CA VAL A 12 10.83 6.15 -1.49
CA VAL A 12 10.83 6.18 -1.46
C VAL A 12 11.96 5.50 -2.28
N GLY A 13 11.83 5.48 -3.61
CA GLY A 13 12.84 4.89 -4.47
C GLY A 13 12.29 4.33 -5.75
N ASP A 14 13.16 4.06 -6.72
CA ASP A 14 12.77 3.52 -8.03
C ASP A 14 11.97 2.20 -7.90
N GLY A 15 11.29 1.83 -8.98
CA GLY A 15 10.44 0.66 -9.08
C GLY A 15 10.94 -0.63 -8.46
N ALA A 16 12.12 -1.13 -8.89
CA ALA A 16 12.61 -2.39 -8.36
C ALA A 16 13.85 -2.20 -7.54
N CYS A 17 13.70 -1.44 -6.46
CA CYS A 17 14.80 -1.23 -5.53
C CYS A 17 14.63 -2.03 -4.21
N GLY A 18 13.55 -2.82 -4.08
CA GLY A 18 13.29 -3.65 -2.91
C GLY A 18 12.61 -2.97 -1.75
N LYS A 19 11.95 -1.84 -2.00
CA LYS A 19 11.29 -1.09 -0.93
CA LYS A 19 11.26 -1.07 -0.97
C LYS A 19 10.07 -1.83 -0.38
N THR A 20 9.40 -2.65 -1.20
CA THR A 20 8.25 -3.43 -0.74
C THR A 20 8.71 -4.65 0.07
N CYS A 21 9.76 -5.36 -0.39
CA CYS A 21 10.31 -6.52 0.32
C CYS A 21 10.79 -6.10 1.70
N LEU A 22 11.54 -4.96 1.77
CA LEU A 22 12.07 -4.44 3.02
C LEU A 22 10.99 -4.20 4.08
N LEU A 23 9.81 -3.69 3.69
CA LEU A 23 8.72 -3.49 4.66
C LEU A 23 8.06 -4.80 5.08
N ILE A 24 7.88 -5.74 4.16
CA ILE A 24 7.23 -7.04 4.44
C ILE A 24 8.05 -7.86 5.41
N VAL A 25 9.35 -7.93 5.16
CA VAL A 25 10.33 -8.69 5.93
C VAL A 25 10.48 -8.15 7.36
N PHE A 26 10.37 -6.83 7.52
CA PHE A 26 10.47 -6.23 8.84
C PHE A 26 9.16 -6.42 9.62
N SER A 27 8.01 -6.20 8.98
CA SER A 27 6.71 -6.35 9.61
C SER A 27 6.38 -7.81 9.96
N LYS A 28 6.85 -8.76 9.16
CA LYS A 28 6.64 -10.18 9.45
C LYS A 28 7.77 -10.80 10.30
N ASP A 29 8.97 -10.14 10.35
CA ASP A 29 10.17 -10.55 11.10
C ASP A 29 10.93 -11.74 10.41
N GLN A 30 10.59 -12.05 9.16
CA GLN A 30 11.20 -13.16 8.41
C GLN A 30 11.00 -13.00 6.91
N PHE A 31 11.91 -13.60 6.09
CA PHE A 31 11.72 -13.58 4.65
C PHE A 31 10.64 -14.64 4.40
N PRO A 32 9.47 -14.23 3.85
CA PRO A 32 8.36 -15.19 3.64
C PRO A 32 8.77 -16.49 2.95
N GLU A 33 8.64 -17.61 3.68
CA GLU A 33 9.05 -18.93 3.19
C GLU A 33 8.17 -19.55 2.10
N VAL A 34 6.91 -19.11 1.97
CA VAL A 34 6.00 -19.73 0.99
C VAL A 34 5.53 -18.78 -0.12
N TYR A 35 5.17 -17.54 0.23
CA TYR A 35 4.73 -16.55 -0.75
C TYR A 35 5.10 -15.17 -0.28
N VAL A 36 5.85 -14.43 -1.09
CA VAL A 36 6.16 -13.04 -0.78
C VAL A 36 5.03 -12.24 -1.42
N PRO A 37 4.32 -11.44 -0.63
CA PRO A 37 3.22 -10.64 -1.21
C PRO A 37 3.71 -9.61 -2.22
N THR A 38 2.84 -9.21 -3.11
CA THR A 38 3.13 -8.22 -4.16
C THR A 38 3.05 -6.80 -3.59
N VAL A 39 2.06 -6.55 -2.75
CA VAL A 39 1.84 -5.23 -2.19
C VAL A 39 1.94 -5.21 -0.67
N PHE A 40 2.26 -4.03 -0.12
CA PHE A 40 2.30 -3.76 1.32
C PHE A 40 1.20 -2.69 1.56
N GLU A 41 0.23 -2.94 2.44
CA GLU A 41 -0.86 -1.98 2.70
C GLU A 41 -0.33 -0.86 3.62
N ASN A 42 -0.08 -1.20 4.88
CA ASN A 42 0.51 -0.38 5.93
C ASN A 42 0.80 -1.32 7.12
N TYR A 43 1.42 -0.81 8.17
CA TYR A 43 1.74 -1.56 9.37
C TYR A 43 2.19 -0.59 10.44
N VAL A 44 1.89 -0.85 11.71
CA VAL A 44 2.30 -0.02 12.81
C VAL A 44 3.21 -0.88 13.66
N ALA A 45 4.49 -0.51 13.77
CA ALA A 45 5.48 -1.28 14.51
C ALA A 45 5.65 -0.77 15.95
N ASP A 46 5.71 -1.66 16.95
CA ASP A 46 5.96 -1.25 18.33
C ASP A 46 7.45 -1.44 18.54
N ILE A 47 8.19 -0.35 18.47
CA ILE A 47 9.64 -0.39 18.58
CA ILE A 47 9.63 -0.42 18.60
C ILE A 47 10.13 0.24 19.88
N GLU A 48 11.14 -0.37 20.50
CA GLU A 48 11.74 0.17 21.69
CA GLU A 48 11.75 0.18 21.69
C GLU A 48 13.20 0.42 21.35
N VAL A 49 13.57 1.68 21.06
CA VAL A 49 14.94 2.00 20.71
C VAL A 49 15.56 2.96 21.74
N ASP A 50 16.72 2.56 22.28
CA ASP A 50 17.52 3.27 23.27
C ASP A 50 16.78 3.65 24.55
N GLY A 51 15.62 3.04 24.79
CA GLY A 51 14.79 3.26 25.96
C GLY A 51 13.44 3.89 25.68
N LYS A 52 13.26 4.45 24.48
CA LYS A 52 12.01 5.10 24.13
C LYS A 52 11.04 4.13 23.46
N GLN A 53 9.75 4.21 23.82
CA GLN A 53 8.71 3.38 23.25
CA GLN A 53 8.70 3.37 23.27
C GLN A 53 7.99 4.15 22.17
N VAL A 54 8.15 3.72 20.90
CA VAL A 54 7.56 4.38 19.75
C VAL A 54 6.63 3.45 18.94
N GLU A 55 5.54 4.03 18.40
CA GLU A 55 4.59 3.36 17.54
C GLU A 55 4.91 3.91 16.14
N LEU A 56 5.61 3.11 15.32
CA LEU A 56 6.08 3.50 13.97
C LEU A 56 5.15 3.07 12.79
N ALA A 57 4.41 4.02 12.20
CA ALA A 57 3.57 3.73 11.04
C ALA A 57 4.45 3.57 9.78
N LEU A 58 4.27 2.49 9.04
CA LEU A 58 5.08 2.19 7.87
C LEU A 58 4.30 2.33 6.56
N TRP A 59 4.84 3.09 5.61
CA TRP A 59 4.20 3.31 4.33
C TRP A 59 5.16 3.07 3.18
N ASP A 60 4.60 2.81 2.03
CA ASP A 60 5.32 2.49 0.81
C ASP A 60 4.76 3.37 -0.32
N THR A 61 5.60 3.67 -1.29
CA THR A 61 5.20 4.45 -2.46
C THR A 61 5.20 3.58 -3.74
N ALA A 62 5.23 2.25 -3.62
CA ALA A 62 5.24 1.36 -4.76
C ALA A 62 3.91 1.50 -5.50
N GLY A 63 3.99 1.66 -6.81
CA GLY A 63 2.83 1.92 -7.62
C GLY A 63 2.62 3.39 -7.90
N GLN A 64 3.19 4.28 -7.06
CA GLN A 64 3.01 5.72 -7.25
C GLN A 64 4.10 6.38 -8.13
N GLU A 65 5.19 5.65 -8.43
CA GLU A 65 6.33 6.17 -9.21
C GLU A 65 5.98 6.92 -10.49
N ASP A 66 4.96 6.49 -11.27
CA ASP A 66 4.63 7.22 -12.51
C ASP A 66 3.56 8.32 -12.32
N TYR A 67 3.06 8.51 -11.09
CA TYR A 67 1.97 9.44 -10.84
C TYR A 67 2.38 10.57 -9.92
N ASP A 68 2.91 11.63 -10.52
CA ASP A 68 3.51 12.80 -9.87
C ASP A 68 2.55 13.64 -9.06
N ARG A 69 1.23 13.57 -9.31
CA ARG A 69 0.26 14.31 -8.49
C ARG A 69 -0.28 13.45 -7.33
N LEU A 70 -0.40 12.14 -7.56
CA LEU A 70 -0.91 11.17 -6.58
C LEU A 70 0.08 10.85 -5.48
N ARG A 71 1.38 10.68 -5.85
CA ARG A 71 2.44 10.28 -4.94
C ARG A 71 2.63 11.19 -3.73
N PRO A 72 2.68 12.53 -3.90
CA PRO A 72 2.90 13.41 -2.75
C PRO A 72 1.86 13.30 -1.63
N LEU A 73 0.71 12.71 -1.93
CA LEU A 73 -0.31 12.48 -0.91
C LEU A 73 0.17 11.48 0.18
N SER A 74 1.32 10.79 -0.05
CA SER A 74 1.94 9.87 0.89
C SER A 74 2.79 10.60 1.93
N TYR A 75 3.23 11.83 1.61
CA TYR A 75 4.15 12.60 2.41
C TYR A 75 3.60 13.29 3.65
N PRO A 76 2.34 13.75 3.71
CA PRO A 76 1.89 14.49 4.91
C PRO A 76 2.26 13.85 6.25
N ASP A 77 2.99 14.61 7.10
CA ASP A 77 3.41 14.26 8.46
C ASP A 77 4.51 13.19 8.58
N THR A 78 5.34 13.04 7.55
CA THR A 78 6.43 12.06 7.61
C THR A 78 7.47 12.54 8.62
N ASP A 79 7.94 11.65 9.49
CA ASP A 79 8.97 12.00 10.46
C ASP A 79 10.35 11.46 10.11
N VAL A 80 10.43 10.49 9.18
CA VAL A 80 11.68 9.91 8.70
C VAL A 80 11.46 9.33 7.31
N ILE A 81 12.39 9.58 6.37
CA ILE A 81 12.30 9.05 5.01
C ILE A 81 13.38 8.00 4.77
N LEU A 82 12.99 6.81 4.28
CA LEU A 82 14.01 5.84 3.88
C LEU A 82 14.20 6.00 2.36
N MET A 83 15.33 6.58 1.94
CA MET A 83 15.62 6.75 0.52
CA MET A 83 15.66 6.76 0.52
C MET A 83 16.29 5.48 0.03
N CYS A 84 15.55 4.66 -0.70
CA CYS A 84 16.03 3.36 -1.12
CA CYS A 84 16.01 3.34 -1.16
C CYS A 84 16.60 3.32 -2.54
N PHE A 85 17.69 2.59 -2.70
CA PHE A 85 18.31 2.33 -4.00
C PHE A 85 18.70 0.85 -3.98
N SER A 86 18.92 0.24 -5.15
CA SER A 86 19.36 -1.14 -5.19
C SER A 86 20.86 -1.27 -5.51
N ILE A 87 21.59 -2.11 -4.76
CA ILE A 87 23.03 -2.31 -4.95
C ILE A 87 23.34 -3.03 -6.29
N ASP A 88 22.40 -3.85 -6.79
CA ASP A 88 22.57 -4.49 -8.08
C ASP A 88 22.15 -3.58 -9.26
N SER A 89 21.76 -2.32 -8.97
CA SER A 89 21.31 -1.39 -9.99
C SER A 89 21.95 -0.01 -9.84
N PRO A 90 23.19 0.16 -10.35
CA PRO A 90 23.85 1.48 -10.30
C PRO A 90 23.07 2.62 -10.94
N ASP A 91 22.26 2.32 -11.95
CA ASP A 91 21.42 3.32 -12.60
C ASP A 91 20.36 3.88 -11.64
N SER A 92 19.81 3.06 -10.71
CA SER A 92 18.84 3.54 -9.72
C SER A 92 19.50 4.51 -8.69
N LEU A 93 20.81 4.38 -8.47
CA LEU A 93 21.54 5.28 -7.57
C LEU A 93 21.71 6.67 -8.21
N GLU A 94 21.81 6.73 -9.55
CA GLU A 94 21.96 7.99 -10.31
C GLU A 94 20.73 8.89 -10.12
N ASN A 95 19.53 8.29 -9.99
CA ASN A 95 18.27 9.01 -9.79
C ASN A 95 18.01 9.45 -8.33
N ILE A 96 18.92 9.15 -7.41
CA ILE A 96 18.78 9.55 -6.03
C ILE A 96 18.90 11.10 -5.90
N PRO A 97 19.96 11.78 -6.39
CA PRO A 97 20.01 13.24 -6.23
C PRO A 97 19.30 14.05 -7.32
N GLU A 98 19.07 13.46 -8.49
CA GLU A 98 18.45 14.16 -9.59
C GLU A 98 16.93 13.96 -9.67
N LYS A 99 16.36 12.98 -8.93
CA LYS A 99 14.90 12.78 -8.95
C LYS A 99 14.23 12.76 -7.56
N TRP A 100 14.67 11.90 -6.63
CA TRP A 100 14.00 11.75 -5.34
C TRP A 100 14.36 12.77 -4.31
N THR A 101 15.63 13.20 -4.29
CA THR A 101 16.09 14.16 -3.31
C THR A 101 15.41 15.53 -3.48
N PRO A 102 15.29 16.12 -4.69
CA PRO A 102 14.58 17.42 -4.79
C PRO A 102 13.12 17.34 -4.34
N GLU A 103 12.42 16.24 -4.70
CA GLU A 103 11.03 16.04 -4.35
C GLU A 103 10.81 15.87 -2.86
N VAL A 104 11.63 15.04 -2.21
CA VAL A 104 11.52 14.79 -0.77
C VAL A 104 11.82 16.07 -0.01
N LYS A 105 12.82 16.84 -0.44
CA LYS A 105 13.15 18.10 0.23
C LYS A 105 12.10 19.21 -0.01
N HIS A 106 11.25 19.06 -1.04
CA HIS A 106 10.22 20.02 -1.33
C HIS A 106 8.99 19.72 -0.44
N PHE A 107 8.52 18.46 -0.39
CA PHE A 107 7.34 18.12 0.40
C PHE A 107 7.62 17.84 1.86
N CYS A 108 8.85 17.43 2.18
CA CYS A 108 9.27 17.08 3.53
C CYS A 108 10.57 17.80 3.89
N PRO A 109 10.53 19.14 4.10
CA PRO A 109 11.78 19.85 4.43
C PRO A 109 12.15 19.64 5.90
N ASN A 110 13.44 19.48 6.19
CA ASN A 110 13.93 19.24 7.55
C ASN A 110 13.63 17.80 8.09
N VAL A 111 12.91 16.96 7.34
CA VAL A 111 12.65 15.58 7.74
C VAL A 111 13.92 14.74 7.45
N PRO A 112 14.46 14.02 8.45
CA PRO A 112 15.67 13.21 8.19
C PRO A 112 15.49 12.16 7.11
N ILE A 113 16.51 12.00 6.27
CA ILE A 113 16.52 11.01 5.20
C ILE A 113 17.63 10.01 5.49
N ILE A 114 17.38 8.70 5.38
CA ILE A 114 18.43 7.70 5.56
C ILE A 114 18.62 6.98 4.22
N LEU A 115 19.80 7.11 3.61
CA LEU A 115 20.06 6.42 2.35
C LEU A 115 20.26 4.95 2.64
N VAL A 116 19.39 4.11 2.09
CA VAL A 116 19.47 2.67 2.29
C VAL A 116 19.86 1.92 1.02
N GLY A 117 20.98 1.23 1.12
CA GLY A 117 21.48 0.36 0.07
C GLY A 117 20.85 -1.01 0.25
N ASN A 118 19.88 -1.32 -0.59
CA ASN A 118 19.17 -2.61 -0.53
CA ASN A 118 19.17 -2.60 -0.53
C ASN A 118 19.86 -3.67 -1.37
N LYS A 119 19.52 -4.96 -1.10
CA LYS A 119 20.03 -6.12 -1.82
C LYS A 119 21.55 -6.26 -1.78
N LYS A 120 22.16 -6.07 -0.59
CA LYS A 120 23.61 -6.17 -0.45
C LYS A 120 24.16 -7.57 -0.68
N ASP A 121 23.32 -8.60 -0.46
CA ASP A 121 23.69 -10.00 -0.72
C ASP A 121 24.16 -10.19 -2.16
N LEU A 122 23.55 -9.46 -3.11
CA LEU A 122 23.86 -9.51 -4.53
C LEU A 122 25.26 -9.01 -4.90
N ARG A 123 26.09 -8.62 -3.92
CA ARG A 123 27.47 -8.23 -4.21
C ARG A 123 28.30 -9.49 -4.56
N ASN A 124 27.96 -10.65 -3.99
CA ASN A 124 28.66 -11.90 -4.29
C ASN A 124 27.86 -12.86 -5.19
N ASP A 125 26.74 -12.41 -5.76
CA ASP A 125 25.95 -13.23 -6.68
C ASP A 125 26.62 -13.17 -8.04
N GLU A 126 27.06 -14.34 -8.56
CA GLU A 126 27.76 -14.44 -9.83
C GLU A 126 26.97 -13.93 -11.01
N HIS A 127 25.67 -14.23 -11.04
CA HIS A 127 24.79 -13.80 -12.12
C HIS A 127 24.63 -12.28 -12.16
N THR A 128 24.72 -11.61 -11.00
CA THR A 128 24.60 -10.16 -10.92
C THR A 128 25.82 -9.48 -11.54
N ARG A 129 27.01 -9.95 -11.16
CA ARG A 129 28.25 -9.38 -11.67
C ARG A 129 28.44 -9.66 -13.17
N ARG A 130 27.86 -10.75 -13.69
CA ARG A 130 27.96 -11.06 -15.11
C ARG A 130 27.03 -10.18 -15.92
N GLU A 131 25.76 -10.03 -15.50
CA GLU A 131 24.78 -9.21 -16.20
C GLU A 131 25.18 -7.73 -16.22
N LEU A 132 25.74 -7.24 -15.11
CA LEU A 132 26.20 -5.85 -15.05
C LEU A 132 27.43 -5.60 -15.90
N ALA A 133 28.26 -6.64 -16.15
CA ALA A 133 29.45 -6.50 -16.97
C ALA A 133 29.09 -6.27 -18.44
N LYS A 134 27.96 -6.84 -18.91
CA LYS A 134 27.50 -6.61 -20.30
C LYS A 134 26.82 -5.22 -20.45
N MET A 135 27.19 -4.28 -19.56
CA MET A 135 26.77 -2.88 -19.47
C MET A 135 27.95 -1.97 -19.09
N LYS A 136 29.17 -2.54 -18.88
CA LYS A 136 30.38 -1.86 -18.41
C LYS A 136 30.07 -1.25 -17.05
N GLN A 137 29.55 -2.10 -16.14
CA GLN A 137 29.11 -1.74 -14.80
C GLN A 137 29.40 -2.85 -13.78
N GLU A 138 29.24 -2.54 -12.49
CA GLU A 138 29.42 -3.47 -11.38
C GLU A 138 28.55 -3.06 -10.17
N PRO A 139 28.27 -3.96 -9.20
CA PRO A 139 27.44 -3.55 -8.04
C PRO A 139 27.91 -2.28 -7.35
N VAL A 140 26.97 -1.49 -6.80
CA VAL A 140 27.26 -0.23 -6.09
C VAL A 140 28.20 -0.53 -4.93
N LYS A 141 29.31 0.19 -4.84
CA LYS A 141 30.30 -0.06 -3.80
C LYS A 141 29.95 0.66 -2.51
N PRO A 142 30.33 0.11 -1.35
CA PRO A 142 30.00 0.79 -0.08
C PRO A 142 30.42 2.26 -0.02
N GLU A 143 31.60 2.60 -0.59
CA GLU A 143 32.08 3.99 -0.62
C GLU A 143 31.27 4.87 -1.59
N GLU A 144 30.67 4.26 -2.64
CA GLU A 144 29.82 5.02 -3.55
C GLU A 144 28.48 5.39 -2.87
N GLY A 145 28.00 4.50 -2.02
CA GLY A 145 26.77 4.73 -1.28
C GLY A 145 26.99 5.81 -0.25
N ARG A 146 28.12 5.75 0.46
CA ARG A 146 28.43 6.76 1.48
C ARG A 146 28.55 8.15 0.86
N ASP A 147 29.20 8.24 -0.32
CA ASP A 147 29.39 9.48 -1.07
C ASP A 147 28.11 10.09 -1.59
N MET A 148 27.12 9.25 -1.90
CA MET A 148 25.83 9.76 -2.33
C MET A 148 25.10 10.29 -1.11
N ALA A 149 25.11 9.53 -0.01
CA ALA A 149 24.49 9.96 1.25
C ALA A 149 25.09 11.28 1.73
N ASN A 150 26.38 11.49 1.47
CA ASN A 150 27.13 12.70 1.80
C ASN A 150 26.66 13.91 0.98
N ARG A 151 26.63 13.79 -0.35
CA ARG A 151 26.22 14.83 -1.29
C ARG A 151 24.75 15.26 -1.10
N ILE A 152 23.85 14.32 -0.82
CA ILE A 152 22.43 14.66 -0.63
C ILE A 152 22.09 15.12 0.79
N GLY A 153 23.08 15.29 1.67
CA GLY A 153 22.84 15.70 3.04
C GLY A 153 21.97 14.71 3.81
N ALA A 154 22.05 13.39 3.47
CA ALA A 154 21.29 12.36 4.17
C ALA A 154 21.76 12.28 5.61
N PHE A 155 20.83 12.04 6.55
CA PHE A 155 21.18 11.89 7.96
C PHE A 155 22.16 10.72 8.19
N GLY A 156 22.12 9.72 7.31
CA GLY A 156 23.04 8.59 7.38
C GLY A 156 22.91 7.63 6.21
N TYR A 157 23.85 6.69 6.11
CA TYR A 157 23.89 5.69 5.07
C TYR A 157 23.89 4.34 5.72
N MET A 158 23.02 3.44 5.26
CA MET A 158 22.89 2.09 5.81
C MET A 158 22.70 1.08 4.68
N GLU A 159 23.20 -0.15 4.85
CA GLU A 159 23.00 -1.22 3.88
C GLU A 159 22.27 -2.39 4.53
N CYS A 160 21.42 -3.06 3.75
CA CYS A 160 20.69 -4.21 4.23
C CYS A 160 20.38 -5.19 3.11
N SER A 161 19.86 -6.36 3.46
CA SER A 161 19.43 -7.41 2.54
C SER A 161 18.09 -7.97 3.03
N ALA A 162 16.96 -7.64 2.40
CA ALA A 162 15.66 -8.18 2.80
C ALA A 162 15.63 -9.72 2.70
N LYS A 163 16.40 -10.30 1.78
CA LYS A 163 16.50 -11.76 1.62
C LYS A 163 17.10 -12.42 2.87
N THR A 164 18.32 -12.07 3.28
CA THR A 164 18.96 -12.67 4.45
C THR A 164 18.60 -11.98 5.80
N LYS A 165 17.74 -10.94 5.78
CA LYS A 165 17.35 -10.13 6.95
C LYS A 165 18.53 -9.36 7.60
N ASP A 166 19.71 -9.37 6.97
CA ASP A 166 20.89 -8.70 7.52
C ASP A 166 20.81 -7.18 7.40
N GLY A 167 20.81 -6.49 8.53
CA GLY A 167 20.70 -5.04 8.57
C GLY A 167 19.29 -4.50 8.57
N VAL A 168 18.28 -5.37 8.40
CA VAL A 168 16.89 -4.95 8.39
C VAL A 168 16.50 -4.29 9.73
N ARG A 169 16.65 -4.98 10.88
CA ARG A 169 16.27 -4.41 12.17
C ARG A 169 16.98 -3.06 12.44
N GLU A 170 18.30 -3.02 12.23
CA GLU A 170 19.13 -1.83 12.42
C GLU A 170 18.64 -0.61 11.64
N VAL A 171 18.05 -0.78 10.45
CA VAL A 171 17.55 0.34 9.66
C VAL A 171 16.32 0.96 10.33
N PHE A 172 15.37 0.13 10.73
CA PHE A 172 14.14 0.60 11.35
C PHE A 172 14.37 1.13 12.76
N GLU A 173 15.32 0.56 13.49
CA GLU A 173 15.67 1.07 14.81
C GLU A 173 16.33 2.44 14.66
N MET A 174 17.18 2.62 13.61
CA MET A 174 17.86 3.89 13.37
C MET A 174 16.89 4.94 12.85
N ALA A 175 15.95 4.52 11.99
CA ALA A 175 14.91 5.41 11.46
C ALA A 175 14.04 5.91 12.62
N THR A 176 13.77 5.05 13.65
CA THR A 176 13.02 5.45 14.83
C THR A 176 13.82 6.48 15.63
N ARG A 177 15.14 6.28 15.76
CA ARG A 177 15.99 7.23 16.46
C ARG A 177 15.97 8.58 15.73
N ALA A 178 16.09 8.55 14.39
CA ALA A 178 16.10 9.75 13.56
C ALA A 178 14.79 10.52 13.67
N ALA A 179 13.65 9.81 13.66
CA ALA A 179 12.32 10.39 13.76
C ALA A 179 12.12 11.10 15.10
N LEU A 180 12.68 10.56 16.17
CA LEU A 180 12.56 11.15 17.51
C LEU A 180 13.33 12.47 17.69
N GLN A 181 14.36 12.71 16.87
CA GLN A 181 15.24 13.90 16.96
C GLN A 181 14.54 15.25 16.79
N ALA A 182 15.05 16.27 17.53
CA ALA A 182 14.57 17.64 17.51
C ALA A 182 15.05 18.34 16.23
N SER B 1 -16.38 -6.61 7.73
CA SER B 1 -16.10 -7.97 7.26
CA SER B 1 -16.04 -7.98 7.31
C SER B 1 -16.96 -9.02 7.95
N MET B 2 -17.23 -10.11 7.23
CA MET B 2 -18.05 -11.17 7.75
C MET B 2 -17.22 -12.43 7.94
N GLU B 3 -17.30 -13.05 9.12
CA GLU B 3 -16.57 -14.25 9.53
C GLU B 3 -16.27 -15.26 8.42
N MET B 4 -17.27 -15.52 7.56
CA MET B 4 -17.15 -16.45 6.43
CA MET B 4 -17.13 -16.46 6.44
C MET B 4 -15.97 -16.05 5.52
N ASP B 5 -15.94 -14.80 5.07
CA ASP B 5 -14.90 -14.26 4.21
C ASP B 5 -13.55 -14.18 4.94
N GLU B 6 -13.54 -13.70 6.20
CA GLU B 6 -12.34 -13.61 7.02
C GLU B 6 -11.63 -14.98 7.10
N LYS B 7 -12.37 -16.08 7.34
CA LYS B 7 -11.76 -17.40 7.42
C LYS B 7 -11.25 -17.82 6.06
N ASP B 8 -12.05 -17.61 4.99
CA ASP B 8 -11.65 -17.96 3.63
C ASP B 8 -10.39 -17.28 3.17
N PHE B 9 -10.03 -16.12 3.79
CA PHE B 9 -8.84 -15.30 3.51
C PHE B 9 -7.92 -15.11 4.72
N ALA B 10 -8.01 -16.00 5.72
CA ALA B 10 -7.17 -15.94 6.92
C ALA B 10 -5.74 -16.47 6.64
N ALA B 11 -5.56 -17.29 5.61
CA ALA B 11 -4.25 -17.83 5.27
C ALA B 11 -3.35 -16.81 4.59
N ASP B 12 -2.02 -17.01 4.71
CA ASP B 12 -1.09 -16.07 4.13
C ASP B 12 -0.89 -16.26 2.62
N SER B 13 -1.59 -17.21 1.98
CA SER B 13 -1.50 -17.48 0.55
C SER B 13 -2.57 -18.50 0.11
N TRP B 14 -2.69 -18.76 -1.21
CA TRP B 14 -3.58 -19.75 -1.76
C TRP B 14 -3.06 -21.13 -1.40
N SER B 15 -1.73 -21.36 -1.47
CA SER B 15 -1.14 -22.65 -1.14
CA SER B 15 -1.08 -22.63 -1.13
C SER B 15 -1.46 -23.08 0.29
N LEU B 16 -1.53 -22.14 1.23
CA LEU B 16 -1.85 -22.42 2.62
C LEU B 16 -3.37 -22.43 2.91
N ALA B 17 -4.18 -21.81 2.03
CA ALA B 17 -5.62 -21.77 2.23
C ALA B 17 -6.28 -23.09 1.82
N VAL B 18 -5.99 -23.60 0.61
CA VAL B 18 -6.57 -24.85 0.14
C VAL B 18 -5.96 -26.07 0.86
N ASP B 19 -6.68 -27.20 0.90
CA ASP B 19 -6.20 -28.44 1.51
C ASP B 19 -4.94 -28.90 0.77
N SER B 20 -3.86 -29.26 1.51
CA SER B 20 -2.60 -29.75 0.95
C SER B 20 -2.77 -30.84 -0.12
N SER B 21 -3.73 -31.74 0.07
CA SER B 21 -4.04 -32.80 -0.88
C SER B 21 -4.53 -32.23 -2.22
N PHE B 22 -5.34 -31.16 -2.19
CA PHE B 22 -5.83 -30.48 -3.37
C PHE B 22 -4.68 -29.71 -4.04
N LEU B 23 -3.86 -29.00 -3.26
CA LEU B 23 -2.70 -28.23 -3.74
C LEU B 23 -1.74 -29.13 -4.52
N GLN B 24 -1.43 -30.31 -3.97
CA GLN B 24 -0.52 -31.28 -4.58
C GLN B 24 -0.95 -31.79 -5.96
N GLN B 25 -2.19 -31.53 -6.37
CA GLN B 25 -2.66 -31.96 -7.69
C GLN B 25 -2.51 -30.89 -8.77
N HIS B 26 -1.81 -29.76 -8.50
CA HIS B 26 -1.71 -28.70 -9.49
C HIS B 26 -0.30 -28.40 -9.93
N LYS B 27 -0.15 -27.90 -11.18
CA LYS B 27 1.17 -27.54 -11.71
C LYS B 27 1.69 -26.35 -10.90
N LYS B 28 3.00 -26.28 -10.67
CA LYS B 28 3.59 -25.20 -9.87
C LYS B 28 3.23 -23.80 -10.39
N GLU B 29 3.06 -23.67 -11.70
CA GLU B 29 2.70 -22.40 -12.33
C GLU B 29 1.30 -21.94 -11.91
N VAL B 30 0.38 -22.89 -11.77
CA VAL B 30 -0.99 -22.62 -11.34
C VAL B 30 -0.98 -22.14 -9.89
N MET B 31 -0.15 -22.75 -9.02
CA MET B 31 -0.07 -22.36 -7.61
C MET B 31 0.39 -20.91 -7.49
N LYS B 32 1.35 -20.50 -8.34
CA LYS B 32 1.85 -19.13 -8.37
C LYS B 32 0.77 -18.19 -8.89
N GLN B 33 0.11 -18.54 -9.99
CA GLN B 33 -0.97 -17.75 -10.60
C GLN B 33 -2.13 -17.52 -9.61
N GLN B 34 -2.51 -18.56 -8.87
CA GLN B 34 -3.59 -18.49 -7.89
C GLN B 34 -3.19 -17.75 -6.64
N ASP B 35 -1.91 -17.82 -6.24
CA ASP B 35 -1.40 -17.10 -5.08
C ASP B 35 -1.61 -15.60 -5.25
N VAL B 36 -1.31 -15.05 -6.43
CA VAL B 36 -1.45 -13.62 -6.70
C VAL B 36 -2.94 -13.19 -6.80
N ILE B 37 -3.79 -14.08 -7.38
CA ILE B 37 -5.22 -13.80 -7.46
C ILE B 37 -5.80 -13.76 -6.02
N TYR B 38 -5.38 -14.71 -5.18
CA TYR B 38 -5.79 -14.78 -3.79
C TYR B 38 -5.43 -13.45 -3.07
N GLU B 39 -4.28 -12.85 -3.41
CA GLU B 39 -3.88 -11.58 -2.82
C GLU B 39 -4.74 -10.43 -3.36
N LEU B 40 -5.13 -10.46 -4.65
CA LEU B 40 -5.99 -9.40 -5.20
C LEU B 40 -7.33 -9.35 -4.43
N ILE B 41 -7.88 -10.52 -4.11
CA ILE B 41 -9.14 -10.62 -3.38
C ILE B 41 -8.91 -10.33 -1.88
N GLN B 42 -7.80 -10.82 -1.32
CA GLN B 42 -7.49 -10.58 0.09
C GLN B 42 -7.37 -9.10 0.39
N THR B 43 -6.62 -8.36 -0.45
CA THR B 43 -6.42 -6.92 -0.30
C THR B 43 -7.70 -6.13 -0.69
N GLU B 44 -8.58 -6.71 -1.54
CA GLU B 44 -9.86 -6.07 -1.87
C GLU B 44 -10.83 -6.21 -0.69
N LEU B 45 -10.75 -7.32 0.04
CA LEU B 45 -11.53 -7.56 1.24
C LEU B 45 -11.10 -6.52 2.30
N HIS B 46 -9.78 -6.31 2.48
CA HIS B 46 -9.26 -5.35 3.43
C HIS B 46 -9.57 -3.92 3.03
N HIS B 47 -9.60 -3.63 1.72
CA HIS B 47 -9.94 -2.31 1.23
C HIS B 47 -11.38 -1.97 1.60
N VAL B 48 -12.33 -2.88 1.34
CA VAL B 48 -13.74 -2.69 1.67
C VAL B 48 -13.94 -2.61 3.20
N ARG B 49 -13.15 -3.37 3.97
CA ARG B 49 -13.23 -3.32 5.43
C ARG B 49 -12.78 -1.94 5.94
N THR B 50 -11.72 -1.33 5.31
CA THR B 50 -11.25 0.02 5.62
C THR B 50 -12.39 1.02 5.38
N LEU B 51 -13.10 0.88 4.27
CA LEU B 51 -14.20 1.75 3.91
C LEU B 51 -15.39 1.60 4.86
N LYS B 52 -15.60 0.40 5.40
CA LYS B 52 -16.68 0.20 6.37
C LYS B 52 -16.34 0.83 7.72
N ILE B 53 -15.06 0.89 8.08
CA ILE B 53 -14.62 1.54 9.30
C ILE B 53 -14.87 3.04 9.14
N MET B 54 -14.46 3.62 8.01
CA MET B 54 -14.70 5.02 7.72
C MET B 54 -16.18 5.39 7.72
N THR B 55 -17.06 4.56 7.12
CA THR B 55 -18.50 4.86 7.05
C THR B 55 -19.27 4.59 8.35
N ARG B 56 -19.21 3.36 8.87
CA ARG B 56 -19.98 3.02 10.06
C ARG B 56 -19.31 3.46 11.35
N LEU B 57 -18.05 3.09 11.54
CA LEU B 57 -17.34 3.40 12.77
C LEU B 57 -17.04 4.90 12.97
N PHE B 58 -16.36 5.56 12.03
CA PHE B 58 -16.02 6.98 12.18
C PHE B 58 -17.15 7.94 11.75
N ARG B 59 -17.44 8.03 10.45
CA ARG B 59 -18.46 8.93 9.88
C ARG B 59 -19.80 8.89 10.62
N THR B 60 -20.44 7.70 10.70
CA THR B 60 -21.73 7.52 11.34
C THR B 60 -21.64 7.74 12.84
N GLY B 61 -20.53 7.31 13.44
CA GLY B 61 -20.27 7.51 14.87
C GLY B 61 -20.30 8.96 15.28
N MET B 62 -19.71 9.85 14.46
CA MET B 62 -19.69 11.28 14.75
C MET B 62 -21.08 11.90 14.61
N LEU B 63 -21.87 11.41 13.65
CA LEU B 63 -23.21 11.93 13.44
C LEU B 63 -24.14 11.56 14.59
N GLU B 64 -23.94 10.38 15.18
CA GLU B 64 -24.80 9.91 16.24
C GLU B 64 -24.32 10.23 17.65
N GLU B 65 -23.08 10.72 17.80
N GLU B 65 -23.01 10.44 17.85
CA GLU B 65 -22.55 11.10 19.10
CA GLU B 65 -22.49 10.62 19.21
C GLU B 65 -22.20 12.59 19.22
C GLU B 65 -21.79 11.95 19.46
N LEU B 66 -21.55 13.15 18.20
N LEU B 66 -21.50 12.73 18.42
CA LEU B 66 -21.10 14.55 18.25
CA LEU B 66 -20.84 14.03 18.61
C LEU B 66 -22.11 15.59 17.76
C LEU B 66 -21.71 15.24 18.26
N HIS B 67 -21.89 16.87 18.14
N HIS B 67 -22.82 15.02 17.53
CA HIS B 67 -22.72 18.00 17.72
CA HIS B 67 -23.71 16.06 17.07
C HIS B 67 -21.91 18.84 16.71
C HIS B 67 -22.96 17.12 16.26
N LEU B 68 -21.17 18.18 15.80
N LEU B 68 -22.04 16.66 15.40
CA LEU B 68 -20.34 18.89 14.81
CA LEU B 68 -21.23 17.54 14.55
C LEU B 68 -21.16 19.73 13.82
C LEU B 68 -21.99 17.91 13.28
N GLU B 69 -20.55 20.78 13.26
N GLU B 69 -21.67 19.08 12.70
CA GLU B 69 -21.21 21.64 12.28
CA GLU B 69 -22.32 19.53 11.48
C GLU B 69 -21.56 20.84 11.03
C GLU B 69 -21.95 18.60 10.34
N PRO B 70 -22.72 21.08 10.40
N PRO B 70 -22.95 18.05 9.62
CA PRO B 70 -23.08 20.30 9.20
CA PRO B 70 -22.63 17.13 8.52
C PRO B 70 -22.15 20.57 8.03
C PRO B 70 -21.67 17.66 7.47
N GLY B 71 -21.51 19.52 7.54
N GLY B 71 -21.53 18.98 7.36
CA GLY B 71 -20.55 19.65 6.45
CA GLY B 71 -20.60 19.60 6.44
C GLY B 71 -19.12 19.32 6.84
C GLY B 71 -19.16 19.34 6.83
N VAL B 72 -18.83 19.33 8.17
N VAL B 72 -18.89 19.31 8.15
CA VAL B 72 -17.53 18.98 8.74
CA VAL B 72 -17.58 19.01 8.72
C VAL B 72 -17.26 17.50 8.51
C VAL B 72 -17.28 17.52 8.51
N VAL B 73 -18.26 16.66 8.78
CA VAL B 73 -18.18 15.20 8.60
C VAL B 73 -17.97 14.81 7.12
N GLN B 74 -18.51 15.62 6.20
CA GLN B 74 -18.36 15.41 4.76
CA GLN B 74 -18.36 15.41 4.76
C GLN B 74 -16.94 15.79 4.31
N GLY B 75 -16.36 16.81 4.95
CA GLY B 75 -15.00 17.27 4.70
C GLY B 75 -14.00 16.25 5.23
N LEU B 76 -14.34 15.59 6.35
CA LEU B 76 -13.54 14.55 7.00
C LEU B 76 -13.58 13.25 6.22
N PHE B 77 -14.74 12.85 5.71
CA PHE B 77 -14.89 11.59 4.98
C PHE B 77 -15.47 11.80 3.58
N PRO B 78 -14.70 12.41 2.66
CA PRO B 78 -15.25 12.66 1.32
C PRO B 78 -15.51 11.40 0.50
N CYS B 79 -16.61 11.39 -0.27
CA CYS B 79 -17.00 10.31 -1.17
C CYS B 79 -16.91 8.89 -0.56
N VAL B 80 -17.03 8.73 0.76
CA VAL B 80 -16.89 7.41 1.39
CA VAL B 80 -16.86 7.42 1.38
C VAL B 80 -18.02 6.46 1.02
N ASP B 81 -19.26 6.97 0.87
CA ASP B 81 -20.40 6.11 0.51
C ASP B 81 -20.32 5.67 -0.94
N GLU B 82 -19.83 6.56 -1.82
CA GLU B 82 -19.68 6.27 -3.24
CA GLU B 82 -19.68 6.25 -3.24
C GLU B 82 -18.58 5.23 -3.42
N LEU B 83 -17.43 5.42 -2.74
CA LEU B 83 -16.29 4.51 -2.80
C LEU B 83 -16.72 3.15 -2.28
N SER B 84 -17.43 3.14 -1.15
CA SER B 84 -17.93 1.92 -0.53
C SER B 84 -18.79 1.11 -1.50
N ASP B 85 -19.73 1.75 -2.22
CA ASP B 85 -20.55 1.03 -3.20
C ASP B 85 -19.72 0.45 -4.34
N ILE B 86 -18.79 1.24 -4.93
CA ILE B 86 -17.91 0.84 -6.02
C ILE B 86 -17.10 -0.42 -5.67
N HIS B 87 -16.48 -0.44 -4.50
CA HIS B 87 -15.64 -1.55 -4.09
C HIS B 87 -16.44 -2.73 -3.59
N THR B 88 -17.56 -2.52 -2.89
CA THR B 88 -18.37 -3.65 -2.40
C THR B 88 -18.98 -4.45 -3.57
N ARG B 89 -19.30 -3.76 -4.66
CA ARG B 89 -19.78 -4.42 -5.86
C ARG B 89 -18.61 -5.18 -6.53
N PHE B 90 -17.37 -4.66 -6.47
CA PHE B 90 -16.21 -5.34 -7.04
C PHE B 90 -15.89 -6.61 -6.22
N LEU B 91 -15.94 -6.48 -4.89
CA LEU B 91 -15.69 -7.55 -3.95
C LEU B 91 -16.75 -8.64 -4.14
N SER B 92 -18.02 -8.26 -4.30
CA SER B 92 -19.13 -9.18 -4.55
CA SER B 92 -19.09 -9.22 -4.52
C SER B 92 -18.79 -10.10 -5.75
N GLN B 93 -18.37 -9.48 -6.88
CA GLN B 93 -18.05 -10.16 -8.10
C GLN B 93 -16.83 -11.05 -7.96
N LEU B 94 -15.81 -10.58 -7.26
CA LEU B 94 -14.61 -11.37 -7.02
C LEU B 94 -14.94 -12.63 -6.18
N LEU B 95 -15.74 -12.46 -5.11
CA LEU B 95 -16.14 -13.53 -4.20
C LEU B 95 -17.08 -14.56 -4.82
N GLU B 96 -17.94 -14.13 -5.75
CA GLU B 96 -18.83 -15.08 -6.44
C GLU B 96 -18.03 -15.89 -7.46
N ARG B 97 -16.99 -15.27 -8.08
CA ARG B 97 -16.11 -15.95 -9.04
C ARG B 97 -15.32 -17.07 -8.33
N ARG B 98 -14.97 -16.87 -7.05
CA ARG B 98 -14.28 -17.87 -6.24
C ARG B 98 -15.25 -18.97 -5.82
N ARG B 99 -16.47 -18.59 -5.40
CA ARG B 99 -17.45 -19.57 -4.96
CA ARG B 99 -17.46 -19.57 -4.96
C ARG B 99 -17.85 -20.50 -6.10
N GLN B 100 -17.99 -19.95 -7.32
CA GLN B 100 -18.31 -20.73 -8.51
C GLN B 100 -17.21 -21.76 -8.78
N ALA B 101 -15.94 -21.33 -8.60
CA ALA B 101 -14.73 -22.12 -8.84
C ALA B 101 -14.52 -23.26 -7.82
N LEU B 102 -15.16 -23.20 -6.64
CA LEU B 102 -15.03 -24.25 -5.64
C LEU B 102 -15.52 -25.59 -6.19
N CYS B 103 -14.77 -26.69 -5.95
CA CYS B 103 -15.26 -27.99 -6.40
C CYS B 103 -16.21 -28.60 -5.37
N PRO B 104 -17.20 -29.39 -5.83
CA PRO B 104 -18.22 -29.91 -4.91
C PRO B 104 -17.73 -30.67 -3.68
N GLY B 105 -18.28 -30.29 -2.52
CA GLY B 105 -17.95 -30.89 -1.24
C GLY B 105 -16.94 -30.11 -0.43
N SER B 106 -16.44 -28.99 -0.97
CA SER B 106 -15.47 -28.16 -0.26
C SER B 106 -15.88 -26.70 -0.27
N THR B 107 -15.39 -25.96 0.73
CA THR B 107 -15.60 -24.51 0.86
C THR B 107 -14.28 -23.74 0.75
N ARG B 108 -13.13 -24.44 0.58
CA ARG B 108 -11.80 -23.83 0.49
C ARG B 108 -10.98 -24.26 -0.73
N ASN B 109 -11.34 -25.37 -1.39
CA ASN B 109 -10.61 -25.83 -2.57
C ASN B 109 -11.15 -25.22 -3.87
N PHE B 110 -10.39 -24.26 -4.46
CA PHE B 110 -10.79 -23.62 -5.73
C PHE B 110 -9.60 -23.31 -6.63
N VAL B 111 -9.86 -23.09 -7.93
CA VAL B 111 -8.91 -22.66 -8.97
C VAL B 111 -9.69 -21.71 -9.90
N ILE B 112 -9.41 -20.41 -9.86
CA ILE B 112 -10.07 -19.41 -10.68
C ILE B 112 -9.40 -19.35 -12.05
N HIS B 113 -10.00 -20.02 -13.05
CA HIS B 113 -9.43 -20.06 -14.39
C HIS B 113 -9.63 -18.74 -15.16
N ARG B 114 -10.79 -18.08 -15.01
N ARG B 114 -10.78 -18.08 -14.98
CA ARG B 114 -11.04 -16.81 -15.69
CA ARG B 114 -11.05 -16.82 -15.68
C ARG B 114 -11.15 -15.65 -14.73
C ARG B 114 -11.15 -15.64 -14.71
N LEU B 115 -10.38 -14.59 -14.98
N LEU B 115 -10.38 -14.58 -14.98
CA LEU B 115 -10.39 -13.40 -14.14
CA LEU B 115 -10.38 -13.39 -14.14
C LEU B 115 -10.38 -12.11 -14.99
C LEU B 115 -10.38 -12.11 -14.99
N GLY B 116 -9.64 -12.15 -16.10
CA GLY B 116 -9.52 -11.03 -17.02
C GLY B 116 -10.80 -10.30 -17.39
N ASP B 117 -11.89 -11.05 -17.73
CA ASP B 117 -13.21 -10.51 -18.07
CA ASP B 117 -13.14 -10.38 -18.10
C ASP B 117 -13.80 -9.68 -16.93
N LEU B 118 -13.60 -10.14 -15.69
CA LEU B 118 -14.14 -9.45 -14.53
C LEU B 118 -13.40 -8.11 -14.39
N LEU B 119 -12.07 -8.12 -14.55
CA LEU B 119 -11.26 -6.92 -14.47
C LEU B 119 -11.56 -5.95 -15.61
N ILE B 120 -11.82 -6.47 -16.83
CA ILE B 120 -12.16 -5.64 -17.99
C ILE B 120 -13.49 -4.92 -17.76
N SER B 121 -14.47 -5.61 -17.16
CA SER B 121 -15.76 -4.98 -16.89
C SER B 121 -15.69 -3.92 -15.81
N GLN B 122 -14.90 -4.17 -14.75
CA GLN B 122 -14.76 -3.25 -13.63
C GLN B 122 -14.00 -1.99 -14.02
N PHE B 123 -13.00 -2.12 -14.89
CA PHE B 123 -12.17 -0.98 -15.27
C PHE B 123 -12.49 -0.42 -16.64
N SER B 124 -13.74 -0.58 -17.12
CA SER B 124 -14.16 -0.05 -18.41
C SER B 124 -15.61 0.44 -18.36
N GLY B 125 -15.94 1.41 -19.21
CA GLY B 125 -17.29 1.96 -19.34
C GLY B 125 -17.75 2.72 -18.13
N PRO B 126 -19.06 2.75 -17.89
CA PRO B 126 -19.60 3.46 -16.71
C PRO B 126 -18.89 3.20 -15.38
N SER B 127 -18.56 1.93 -15.05
CA SER B 127 -17.85 1.63 -13.79
C SER B 127 -16.51 2.33 -13.71
N ALA B 128 -15.79 2.43 -14.83
CA ALA B 128 -14.49 3.11 -14.85
C ALA B 128 -14.65 4.60 -14.74
N GLU B 129 -15.69 5.17 -15.38
CA GLU B 129 -15.98 6.59 -15.31
C GLU B 129 -16.36 6.93 -13.87
N GLN B 130 -17.16 6.08 -13.22
CA GLN B 130 -17.56 6.35 -11.84
CA GLN B 130 -17.58 6.25 -11.83
C GLN B 130 -16.38 6.32 -10.88
N MET B 131 -15.40 5.41 -11.05
CA MET B 131 -14.20 5.38 -10.18
C MET B 131 -13.30 6.58 -10.48
N CYS B 132 -13.19 6.96 -11.74
CA CYS B 132 -12.36 8.07 -12.16
C CYS B 132 -12.78 9.38 -11.50
N LYS B 133 -14.06 9.72 -11.61
CA LYS B 133 -14.62 10.93 -11.01
C LYS B 133 -14.61 10.83 -9.47
N THR B 134 -14.75 9.63 -8.92
CA THR B 134 -14.76 9.43 -7.47
C THR B 134 -13.39 9.61 -6.88
N TYR B 135 -12.38 8.92 -7.44
CA TYR B 135 -11.02 9.02 -6.93
C TYR B 135 -10.41 10.38 -7.21
N SER B 136 -10.79 11.04 -8.33
CA SER B 136 -10.29 12.39 -8.62
C SER B 136 -10.78 13.35 -7.56
N GLU B 137 -12.04 13.19 -7.11
CA GLU B 137 -12.57 14.05 -6.05
CA GLU B 137 -12.57 14.05 -6.05
C GLU B 137 -11.94 13.67 -4.71
N PHE B 138 -11.90 12.36 -4.37
CA PHE B 138 -11.31 11.91 -3.12
C PHE B 138 -9.87 12.42 -2.91
N CYS B 139 -9.03 12.32 -3.93
CA CYS B 139 -7.63 12.67 -3.83
C CYS B 139 -7.37 14.16 -3.77
N SER B 140 -8.26 14.96 -4.39
CA SER B 140 -8.22 16.43 -4.36
C SER B 140 -8.63 16.93 -2.99
N ARG B 141 -9.56 16.23 -2.30
CA ARG B 141 -10.00 16.60 -0.94
C ARG B 141 -9.20 15.91 0.19
N HIS B 142 -8.22 15.04 -0.15
CA HIS B 142 -7.40 14.28 0.81
C HIS B 142 -6.63 15.18 1.81
N SER B 143 -5.84 16.16 1.33
CA SER B 143 -5.09 17.04 2.23
CA SER B 143 -5.09 17.04 2.24
C SER B 143 -6.03 17.79 3.19
N LYS B 144 -7.11 18.40 2.64
CA LYS B 144 -8.13 19.14 3.37
C LYS B 144 -8.75 18.28 4.49
N ALA B 145 -8.92 16.96 4.24
CA ALA B 145 -9.48 16.02 5.23
C ALA B 145 -8.55 15.79 6.41
N LEU B 146 -7.23 15.69 6.13
CA LEU B 146 -6.18 15.50 7.13
C LEU B 146 -6.04 16.74 8.00
N LYS B 147 -5.98 17.93 7.38
CA LYS B 147 -5.84 19.17 8.15
C LYS B 147 -7.08 19.38 9.04
N LEU B 148 -8.27 19.14 8.49
CA LEU B 148 -9.54 19.27 9.20
C LEU B 148 -9.61 18.35 10.44
N TYR B 149 -9.15 17.08 10.32
CA TYR B 149 -9.10 16.10 11.41
C TYR B 149 -8.14 16.57 12.51
N LYS B 150 -6.99 17.10 12.11
CA LYS B 150 -5.99 17.59 13.04
C LYS B 150 -6.48 18.82 13.80
N GLU B 151 -7.26 19.69 13.13
CA GLU B 151 -7.79 20.89 13.78
CA GLU B 151 -7.79 20.90 13.77
C GLU B 151 -8.80 20.49 14.84
N LEU B 152 -9.73 19.58 14.50
CA LEU B 152 -10.78 19.07 15.37
C LEU B 152 -10.23 18.33 16.58
N TYR B 153 -9.12 17.61 16.40
CA TYR B 153 -8.46 16.88 17.49
C TYR B 153 -7.68 17.88 18.39
N ALA B 154 -7.12 18.94 17.83
CA ALA B 154 -6.35 19.92 18.61
C ALA B 154 -7.19 21.06 19.19
N ARG B 155 -8.51 21.02 19.05
CA ARG B 155 -9.36 22.08 19.57
CA ARG B 155 -9.37 22.08 19.55
C ARG B 155 -10.56 21.52 20.33
N ASP B 156 -11.24 20.51 19.77
CA ASP B 156 -12.42 19.90 20.41
C ASP B 156 -12.08 18.73 21.34
N LYS B 157 -12.48 18.86 22.61
CA LYS B 157 -12.29 17.89 23.69
C LYS B 157 -13.19 16.64 23.49
N ARG B 158 -14.43 16.84 23.02
CA ARG B 158 -15.36 15.74 22.79
C ARG B 158 -14.92 14.87 21.62
N PHE B 159 -14.52 15.49 20.50
CA PHE B 159 -14.02 14.83 19.30
C PHE B 159 -12.77 14.01 19.66
N GLN B 160 -11.90 14.58 20.50
CA GLN B 160 -10.69 13.92 20.98
C GLN B 160 -11.04 12.61 21.70
N GLN B 161 -12.01 12.64 22.64
CA GLN B 161 -12.38 11.45 23.38
C GLN B 161 -13.12 10.43 22.53
N PHE B 162 -13.88 10.89 21.51
CA PHE B 162 -14.55 9.98 20.58
C PHE B 162 -13.48 9.21 19.81
N ILE B 163 -12.45 9.92 19.31
CA ILE B 163 -11.37 9.29 18.55
C ILE B 163 -10.57 8.31 19.41
N ARG B 164 -10.29 8.68 20.67
CA ARG B 164 -9.55 7.79 21.56
C ARG B 164 -10.36 6.52 21.85
N LYS B 165 -11.69 6.68 21.97
CA LYS B 165 -12.66 5.62 22.26
C LYS B 165 -12.78 4.59 21.15
N VAL B 166 -13.07 5.04 19.92
CA VAL B 166 -13.28 4.12 18.80
C VAL B 166 -12.02 3.42 18.36
N THR B 167 -10.86 4.08 18.45
CA THR B 167 -9.57 3.52 18.01
C THR B 167 -8.87 2.62 19.04
N ARG B 168 -9.42 2.51 20.26
CA ARG B 168 -8.91 1.71 21.35
C ARG B 168 -8.75 0.21 21.02
N PRO B 169 -9.71 -0.47 20.34
CA PRO B 169 -9.51 -1.88 20.00
C PRO B 169 -8.18 -2.21 19.33
N ALA B 170 -7.67 -3.43 19.58
CA ALA B 170 -6.41 -3.88 18.99
C ALA B 170 -6.50 -3.99 17.46
N VAL B 171 -7.70 -4.33 16.95
CA VAL B 171 -7.95 -4.45 15.51
C VAL B 171 -7.84 -3.11 14.77
N LEU B 172 -7.99 -1.98 15.47
CA LEU B 172 -7.89 -0.67 14.82
C LEU B 172 -6.51 -0.04 14.94
N LYS B 173 -5.45 -0.86 15.14
CA LYS B 173 -4.09 -0.34 15.32
C LYS B 173 -3.60 0.49 14.13
N ARG B 174 -3.65 -0.09 12.92
CA ARG B 174 -3.24 0.59 11.70
C ARG B 174 -4.43 1.20 10.94
N HIS B 175 -5.55 1.47 11.62
CA HIS B 175 -6.74 1.96 10.95
C HIS B 175 -7.38 3.20 11.58
N GLY B 176 -6.57 4.18 11.93
CA GLY B 176 -7.10 5.45 12.43
C GLY B 176 -7.66 6.28 11.29
N VAL B 177 -8.29 7.43 11.60
CA VAL B 177 -8.84 8.31 10.56
C VAL B 177 -7.85 8.64 9.42
N GLN B 178 -6.64 9.07 9.75
CA GLN B 178 -5.66 9.42 8.76
C GLN B 178 -5.11 8.22 8.01
N GLU B 179 -4.92 7.08 8.70
CA GLU B 179 -4.43 5.88 8.01
C GLU B 179 -5.48 5.41 7.00
N CYS B 180 -6.77 5.44 7.39
CA CYS B 180 -7.87 5.05 6.50
C CYS B 180 -7.87 5.94 5.22
N ILE B 181 -7.60 7.25 5.35
CA ILE B 181 -7.58 8.16 4.21
C ILE B 181 -6.43 7.84 3.22
N LEU B 182 -5.21 7.56 3.75
CA LEU B 182 -4.08 7.23 2.89
C LEU B 182 -4.22 5.82 2.32
N LEU B 183 -4.72 4.88 3.12
CA LEU B 183 -4.99 3.51 2.65
C LEU B 183 -5.86 3.48 1.37
N VAL B 184 -6.90 4.36 1.30
CA VAL B 184 -7.81 4.45 0.16
C VAL B 184 -7.13 5.10 -1.06
N THR B 185 -6.33 6.15 -0.84
CA THR B 185 -5.62 6.81 -1.93
C THR B 185 -4.62 5.89 -2.57
N GLN B 186 -3.82 5.17 -1.75
CA GLN B 186 -2.83 4.22 -2.27
C GLN B 186 -3.45 2.98 -2.96
N ARG B 187 -4.70 2.63 -2.61
CA ARG B 187 -5.35 1.44 -3.15
C ARG B 187 -5.35 1.35 -4.67
N ILE B 188 -5.75 2.41 -5.37
CA ILE B 188 -5.82 2.38 -6.83
C ILE B 188 -4.46 2.09 -7.48
N THR B 189 -3.36 2.49 -6.83
CA THR B 189 -2.03 2.22 -7.37
C THR B 189 -1.56 0.77 -7.13
N LYS B 190 -2.35 -0.07 -6.42
CA LYS B 190 -1.96 -1.45 -6.19
C LYS B 190 -2.29 -2.31 -7.38
N TYR B 191 -3.47 -2.08 -7.99
CA TYR B 191 -3.98 -2.88 -9.12
C TYR B 191 -2.96 -3.18 -10.20
N PRO B 192 -2.24 -2.20 -10.84
CA PRO B 192 -1.29 -2.57 -11.89
C PRO B 192 -0.22 -3.52 -11.40
N LEU B 193 0.25 -3.40 -10.15
CA LEU B 193 1.26 -4.32 -9.63
CA LEU B 193 1.26 -4.32 -9.63
C LEU B 193 0.66 -5.73 -9.53
N LEU B 194 -0.57 -5.86 -9.01
CA LEU B 194 -1.23 -7.15 -8.86
C LEU B 194 -1.61 -7.79 -10.19
N ILE B 195 -2.25 -7.05 -11.09
CA ILE B 195 -2.61 -7.54 -12.41
C ILE B 195 -1.34 -7.95 -13.21
N SER B 196 -0.22 -7.18 -13.09
CA SER B 196 1.02 -7.51 -13.79
CA SER B 196 1.00 -7.54 -13.82
CA SER B 196 1.02 -7.53 -13.79
C SER B 196 1.62 -8.84 -13.31
N ARG B 197 1.50 -9.14 -12.00
CA ARG B 197 2.07 -10.39 -11.47
C ARG B 197 1.17 -11.60 -11.81
N ILE B 198 -0.15 -11.37 -11.96
CA ILE B 198 -1.10 -12.41 -12.36
C ILE B 198 -0.85 -12.74 -13.84
N LEU B 199 -0.74 -11.68 -14.67
CA LEU B 199 -0.48 -11.74 -16.11
C LEU B 199 0.79 -12.52 -16.42
N GLN B 200 1.81 -12.38 -15.60
CA GLN B 200 3.09 -13.04 -15.73
C GLN B 200 2.96 -14.58 -15.63
N HIS B 201 1.97 -15.09 -14.88
CA HIS B 201 1.76 -16.54 -14.75
C HIS B 201 0.47 -17.01 -15.45
N SER B 202 -0.09 -16.20 -16.38
CA SER B 202 -1.34 -16.52 -17.09
C SER B 202 -1.17 -16.75 -18.60
N HIS B 203 -0.06 -17.38 -19.01
CA HIS B 203 0.17 -17.64 -20.43
C HIS B 203 -0.43 -18.96 -20.95
N GLY B 204 -0.94 -19.81 -20.06
CA GLY B 204 -1.56 -21.10 -20.41
C GLY B 204 -2.70 -20.98 -21.39
N ILE B 205 -3.57 -19.98 -21.19
CA ILE B 205 -4.68 -19.71 -22.09
CA ILE B 205 -4.67 -19.72 -22.10
C ILE B 205 -4.41 -18.36 -22.74
N GLU B 206 -4.33 -18.31 -24.08
CA GLU B 206 -4.02 -17.09 -24.82
C GLU B 206 -5.10 -16.00 -24.70
N GLU B 207 -6.38 -16.39 -24.63
CA GLU B 207 -7.44 -15.40 -24.47
C GLU B 207 -7.46 -14.80 -23.06
N GLU B 208 -6.86 -15.48 -22.06
CA GLU B 208 -6.75 -14.96 -20.69
C GLU B 208 -5.59 -13.98 -20.60
N ARG B 209 -4.46 -14.29 -21.25
CA ARG B 209 -3.32 -13.38 -21.27
C ARG B 209 -3.70 -12.05 -21.96
N GLN B 210 -4.53 -12.12 -23.00
CA GLN B 210 -5.01 -10.95 -23.70
C GLN B 210 -5.99 -10.16 -22.85
N ASP B 211 -6.88 -10.87 -22.12
CA ASP B 211 -7.84 -10.24 -21.22
C ASP B 211 -7.10 -9.42 -20.15
N LEU B 212 -6.09 -10.05 -19.50
CA LEU B 212 -5.30 -9.40 -18.47
C LEU B 212 -4.40 -8.29 -19.03
N THR B 213 -4.02 -8.38 -20.30
CA THR B 213 -3.23 -7.33 -20.94
C THR B 213 -4.13 -6.11 -21.19
N THR B 214 -5.40 -6.34 -21.64
CA THR B 214 -6.39 -5.29 -21.86
C THR B 214 -6.78 -4.66 -20.52
N ALA B 215 -6.92 -5.47 -19.46
CA ALA B 215 -7.26 -4.98 -18.14
C ALA B 215 -6.11 -4.14 -17.61
N LEU B 216 -4.84 -4.58 -17.78
CA LEU B 216 -3.66 -3.84 -17.30
C LEU B 216 -3.57 -2.45 -17.93
N GLY B 217 -3.88 -2.37 -19.23
CA GLY B 217 -3.91 -1.12 -19.97
C GLY B 217 -5.01 -0.21 -19.48
N LEU B 218 -6.23 -0.77 -19.31
CA LEU B 218 -7.40 -0.06 -18.79
C LEU B 218 -7.17 0.58 -17.41
N VAL B 219 -6.49 -0.14 -16.48
CA VAL B 219 -6.16 0.38 -15.14
C VAL B 219 -5.13 1.49 -15.23
N LYS B 220 -4.08 1.33 -16.05
CA LYS B 220 -3.06 2.38 -16.21
C LYS B 220 -3.67 3.65 -16.82
N GLU B 221 -4.65 3.50 -17.72
CA GLU B 221 -5.33 4.65 -18.33
CA GLU B 221 -5.32 4.66 -18.32
C GLU B 221 -6.14 5.38 -17.24
N LEU B 222 -6.83 4.60 -16.38
CA LEU B 222 -7.63 5.12 -15.27
C LEU B 222 -6.74 5.92 -14.32
N LEU B 223 -5.65 5.30 -13.83
CA LEU B 223 -4.71 5.96 -12.93
C LEU B 223 -4.15 7.25 -13.53
N SER B 224 -3.94 7.27 -14.86
CA SER B 224 -3.43 8.46 -15.55
CA SER B 224 -3.44 8.45 -15.57
C SER B 224 -4.49 9.56 -15.56
N ASN B 225 -5.77 9.18 -15.80
CA ASN B 225 -6.89 10.14 -15.83
C ASN B 225 -7.11 10.74 -14.45
N VAL B 226 -7.00 9.91 -13.38
CA VAL B 226 -7.15 10.37 -12.01
C VAL B 226 -6.02 11.32 -11.65
N ASP B 227 -4.78 10.97 -12.05
CA ASP B 227 -3.60 11.79 -11.81
C ASP B 227 -3.68 13.15 -12.50
N GLU B 228 -4.28 13.21 -13.70
CA GLU B 228 -4.42 14.46 -14.44
C GLU B 228 -5.49 15.37 -13.83
N GLY B 229 -6.56 14.78 -13.31
CA GLY B 229 -7.68 15.50 -12.71
C GLY B 229 -7.56 15.80 -11.23
N ILE B 230 -6.35 15.81 -10.68
CA ILE B 230 -6.15 16.11 -9.26
C ILE B 230 -5.82 17.58 -9.07
N TYR B 231 -6.56 18.26 -8.19
CA TYR B 231 -6.38 19.67 -7.90
C TYR B 231 -6.53 19.86 -6.40
N GLN B 232 -5.42 19.78 -5.65
CA GLN B 232 -5.44 19.88 -4.19
C GLN B 232 -6.22 21.08 -3.64
N LEU B 233 -7.02 20.83 -2.60
CA LEU B 233 -7.85 21.83 -1.93
C LEU B 233 -7.26 22.17 -0.54
N GLU B 234 -7.64 23.33 0.03
CA GLU B 234 -7.18 23.74 1.36
C GLU B 234 -8.31 24.43 2.14
N LYS B 235 -8.36 24.23 3.47
CA LYS B 235 -9.39 24.87 4.29
C LYS B 235 -8.94 26.27 4.70
#